data_4QRV
#
_entry.id   4QRV
#
_cell.length_a   42.670
_cell.length_b   74.267
_cell.length_c   116.326
_cell.angle_alpha   90.000
_cell.angle_beta   92.850
_cell.angle_gamma   90.000
#
_symmetry.space_group_name_H-M   'P 1 21 1'
#
loop_
_entity.id
_entity.type
_entity.pdbx_description
1 polymer Papain
2 non-polymer 'CHLORIDE ION'
3 non-polymer 'SODIUM ION'
4 water water
#
_entity_poly.entity_id   1
_entity_poly.type   'polypeptide(L)'
_entity_poly.pdbx_seq_one_letter_code
;MHHHHHHSSGLVPRGSGMKETAAAKFERQHMDSPDLGTDDDDKMDFSIVGYSQNDLTSTERLIQLFESWMLKHNKIYKNI
DEKIYRFEIFKDNLKYIDETNKKNNSYWLGLNVFADMSNDEFKEKYTGSFAGNYTTTELSYEEVLNDGDVNIPEYVDWRQ
KGAVTPVKNQGSCGSAWAFSAVSTIESIIKIRTGNLNEYSEQELLDCDRRSYGCNGGYPWSALQLVAQYGIHYRNTYPYE
GVQRYCRSREKGPYAAKTDGVRQVQPYNEGALLYSIANQPVSVVLEAAGKDFQLYRGGIFVGPCGNKVDHAVAAVGYGPN
YILIRNSWGTGWGENGYIRIKRGTGNSYGVCGLYTSSFYPVKN
;
_entity_poly.pdbx_strand_id   A,B
#
loop_
_chem_comp.id
_chem_comp.type
_chem_comp.name
_chem_comp.formula
CL non-polymer 'CHLORIDE ION' 'Cl -1'
NA non-polymer 'SODIUM ION' 'Na 1'
#
# COMPACT_ATOMS: atom_id res chain seq x y z
N ILE A 48 19.48 36.04 -12.98
CA ILE A 48 20.85 36.54 -13.01
C ILE A 48 21.65 35.76 -14.07
N VAL A 49 22.48 36.50 -14.80
CA VAL A 49 23.22 35.93 -15.93
C VAL A 49 24.72 36.10 -15.74
N GLY A 50 25.11 36.76 -14.66
CA GLY A 50 26.51 36.85 -14.29
C GLY A 50 27.14 38.20 -14.51
N TYR A 51 26.39 39.14 -15.07
CA TYR A 51 26.93 40.45 -15.40
C TYR A 51 25.87 41.54 -15.57
N SER A 52 26.29 42.78 -15.38
CA SER A 52 25.46 43.95 -15.69
C SER A 52 25.88 44.51 -17.04
N GLN A 53 24.99 45.24 -17.69
CA GLN A 53 25.29 45.76 -19.02
C GLN A 53 26.35 46.86 -18.96
N ASN A 54 26.54 47.42 -17.77
CA ASN A 54 27.61 48.38 -17.56
C ASN A 54 28.98 47.71 -17.70
N ASP A 55 29.04 46.41 -17.39
CA ASP A 55 30.27 45.64 -17.54
C ASP A 55 30.74 45.56 -19.00
N LEU A 56 29.81 45.80 -19.92
CA LEU A 56 30.08 45.62 -21.35
C LEU A 56 30.57 46.90 -22.03
N THR A 57 30.77 47.96 -21.24
CA THR A 57 30.99 49.27 -21.84
C THR A 57 32.45 49.60 -22.07
N SER A 58 33.36 48.72 -21.65
CA SER A 58 34.79 48.96 -21.85
C SER A 58 35.59 47.70 -21.63
N THR A 59 36.83 47.70 -22.08
CA THR A 59 37.65 46.51 -21.97
C THR A 59 38.03 46.32 -20.50
N GLU A 60 38.24 47.43 -19.79
CA GLU A 60 38.62 47.37 -18.39
C GLU A 60 37.52 46.73 -17.50
N ARG A 61 36.27 47.10 -17.73
CA ARG A 61 35.17 46.50 -16.99
C ARG A 61 35.02 45.01 -17.31
N LEU A 62 35.07 44.67 -18.61
CA LEU A 62 35.02 43.27 -19.04
C LEU A 62 36.06 42.42 -18.32
N ILE A 63 37.27 42.97 -18.21
CA ILE A 63 38.39 42.31 -17.55
C ILE A 63 38.11 42.13 -16.06
N GLN A 64 37.55 43.17 -15.45
CA GLN A 64 37.25 43.10 -14.01
C GLN A 64 36.14 42.09 -13.78
N LEU A 65 35.17 42.07 -14.69
CA LEU A 65 34.12 41.06 -14.68
C LEU A 65 34.71 39.64 -14.77
N PHE A 66 35.63 39.45 -15.71
CA PHE A 66 36.30 38.15 -15.87
C PHE A 66 37.03 37.77 -14.58
N GLU A 67 37.78 38.71 -14.03
CA GLU A 67 38.46 38.54 -12.75
C GLU A 67 37.50 38.09 -11.65
N SER A 68 36.39 38.80 -11.55
CA SER A 68 35.34 38.49 -10.60
C SER A 68 34.80 37.05 -10.79
N TRP A 69 34.54 36.70 -12.04
CA TRP A 69 34.04 35.37 -12.39
C TRP A 69 35.04 34.26 -12.03
N MET A 70 36.33 34.50 -12.25
CA MET A 70 37.36 33.54 -11.87
C MET A 70 37.30 33.26 -10.38
N LEU A 71 37.14 34.33 -9.60
CA LEU A 71 37.06 34.20 -8.14
C LEU A 71 35.82 33.42 -7.71
N LYS A 72 34.68 33.81 -8.28
CA LYS A 72 33.42 33.13 -8.00
C LYS A 72 33.53 31.63 -8.23
N HIS A 73 34.30 31.23 -9.24
CA HIS A 73 34.36 29.81 -9.63
C HIS A 73 35.69 29.13 -9.32
N ASN A 74 36.50 29.79 -8.50
CA ASN A 74 37.80 29.26 -8.06
C ASN A 74 38.65 28.74 -9.20
N LYS A 75 38.72 29.53 -10.26
CA LYS A 75 39.51 29.19 -11.42
C LYS A 75 40.92 29.73 -11.26
N ILE A 76 41.90 28.83 -11.28
CA ILE A 76 43.29 29.23 -11.35
C ILE A 76 43.92 28.59 -12.60
N TYR A 77 44.60 29.42 -13.38
CA TYR A 77 45.10 29.01 -14.68
C TYR A 77 46.58 28.62 -14.65
N LYS A 78 47.03 27.90 -15.68
CA LYS A 78 48.39 27.37 -15.72
C LYS A 78 49.41 28.50 -15.70
N ASN A 79 49.28 29.42 -16.65
CA ASN A 79 50.15 30.59 -16.73
C ASN A 79 49.38 31.83 -17.19
N ILE A 80 50.10 32.92 -17.41
CA ILE A 80 49.44 34.15 -17.81
C ILE A 80 48.91 34.08 -19.26
N ASP A 81 49.65 33.42 -20.14
CA ASP A 81 49.20 33.28 -21.52
C ASP A 81 47.85 32.54 -21.55
N GLU A 82 47.63 31.69 -20.56
CA GLU A 82 46.37 30.98 -20.42
C GLU A 82 45.26 31.93 -20.00
N LYS A 83 45.56 32.79 -19.03
CA LYS A 83 44.57 33.74 -18.54
C LYS A 83 44.08 34.66 -19.64
N ILE A 84 44.99 35.14 -20.47
CA ILE A 84 44.65 35.98 -21.61
C ILE A 84 43.78 35.22 -22.63
N TYR A 85 44.19 34.01 -22.99
CA TYR A 85 43.39 33.17 -23.87
C TYR A 85 41.99 32.95 -23.27
N ARG A 86 41.92 32.66 -21.98
CA ARG A 86 40.65 32.41 -21.31
C ARG A 86 39.75 33.64 -21.30
N PHE A 87 40.34 34.82 -21.12
CA PHE A 87 39.58 36.05 -21.18
C PHE A 87 38.97 36.24 -22.58
N GLU A 88 39.71 35.89 -23.62
CA GLU A 88 39.21 36.04 -24.98
C GLU A 88 37.97 35.17 -25.24
N ILE A 89 38.03 33.93 -24.77
CA ILE A 89 36.95 32.98 -24.90
C ILE A 89 35.77 33.48 -24.11
N PHE A 90 36.08 33.91 -22.89
CA PHE A 90 35.10 34.45 -21.96
C PHE A 90 34.36 35.62 -22.58
N LYS A 91 35.14 36.54 -23.14
CA LYS A 91 34.58 37.69 -23.82
C LYS A 91 33.64 37.26 -24.95
N ASP A 92 34.04 36.25 -25.71
CA ASP A 92 33.25 35.83 -26.84
C ASP A 92 31.97 35.10 -26.42
N ASN A 93 32.07 34.27 -25.39
CA ASN A 93 30.88 33.63 -24.88
C ASN A 93 29.92 34.64 -24.26
N LEU A 94 30.46 35.68 -23.62
CA LEU A 94 29.62 36.73 -23.05
C LEU A 94 28.80 37.44 -24.13
N LYS A 95 29.47 37.74 -25.23
CA LYS A 95 28.80 38.38 -26.36
C LYS A 95 27.67 37.49 -26.82
N TYR A 96 27.95 36.19 -26.92
CA TYR A 96 26.95 35.23 -27.35
C TYR A 96 25.80 35.17 -26.33
N ILE A 97 26.15 35.16 -25.05
CA ILE A 97 25.15 35.10 -23.98
C ILE A 97 24.25 36.32 -24.02
N ASP A 98 24.87 37.48 -24.13
CA ASP A 98 24.14 38.74 -24.17
C ASP A 98 23.19 38.82 -25.36
N GLU A 99 23.64 38.41 -26.53
CA GLU A 99 22.80 38.48 -27.73
C GLU A 99 21.69 37.42 -27.73
N THR A 100 21.96 36.26 -27.18
CA THR A 100 20.97 35.19 -27.15
C THR A 100 19.86 35.49 -26.12
N ASN A 101 20.24 36.04 -24.98
CA ASN A 101 19.27 36.38 -23.93
C ASN A 101 18.38 37.56 -24.27
N LYS A 102 18.68 38.25 -25.36
CA LYS A 102 17.85 39.37 -25.81
C LYS A 102 16.53 38.83 -26.31
N LYS A 103 16.61 37.66 -26.94
CA LYS A 103 15.46 37.04 -27.57
C LYS A 103 14.45 36.52 -26.55
N ASN A 104 13.23 36.27 -27.01
CA ASN A 104 12.17 35.80 -26.15
C ASN A 104 12.09 34.28 -26.15
N ASN A 105 13.04 33.62 -25.49
CA ASN A 105 13.03 32.15 -25.32
C ASN A 105 12.62 31.76 -23.91
N SER A 106 12.24 30.50 -23.70
CA SER A 106 11.75 30.10 -22.39
C SER A 106 12.89 29.83 -21.41
N TYR A 107 14.13 29.99 -21.85
CA TYR A 107 15.25 29.79 -20.93
C TYR A 107 16.29 30.85 -21.23
N TRP A 108 17.30 30.96 -20.37
CA TRP A 108 18.38 31.91 -20.62
C TRP A 108 19.75 31.30 -20.34
N LEU A 109 20.77 31.93 -20.91
CA LEU A 109 22.18 31.57 -20.74
C LEU A 109 22.84 32.45 -19.70
N GLY A 110 24.08 32.13 -19.34
CA GLY A 110 24.72 32.86 -18.28
C GLY A 110 26.19 32.52 -18.20
N LEU A 111 26.94 33.37 -17.50
CA LEU A 111 28.36 33.14 -17.29
C LEU A 111 28.50 32.07 -16.25
N ASN A 112 28.18 30.84 -16.63
CA ASN A 112 28.25 29.75 -15.65
C ASN A 112 29.66 29.20 -15.63
N VAL A 113 29.83 28.00 -15.07
CA VAL A 113 31.16 27.45 -14.84
C VAL A 113 31.94 27.22 -16.14
N PHE A 114 31.25 27.15 -17.29
CA PHE A 114 31.91 26.86 -18.57
C PHE A 114 32.11 28.10 -19.46
N ALA A 115 31.94 29.29 -18.87
CA ALA A 115 31.99 30.54 -19.63
C ALA A 115 33.37 30.78 -20.25
N ASP A 116 34.43 30.19 -19.67
CA ASP A 116 35.79 30.35 -20.19
C ASP A 116 36.23 29.24 -21.14
N MET A 117 35.28 28.41 -21.57
CA MET A 117 35.60 27.34 -22.53
C MET A 117 34.92 27.55 -23.88
N SER A 118 35.65 27.34 -24.97
CA SER A 118 35.03 27.40 -26.30
C SER A 118 34.13 26.19 -26.40
N ASN A 119 33.09 26.25 -27.24
CA ASN A 119 32.26 25.07 -27.41
C ASN A 119 33.04 23.93 -28.03
N ASP A 120 34.01 24.25 -28.88
CA ASP A 120 34.83 23.21 -29.49
C ASP A 120 35.55 22.45 -28.38
N GLU A 121 36.04 23.20 -27.40
CA GLU A 121 36.78 22.60 -26.31
C GLU A 121 35.85 21.80 -25.40
N PHE A 122 34.76 22.43 -25.00
CA PHE A 122 33.72 21.79 -24.21
C PHE A 122 33.22 20.51 -24.85
N LYS A 123 32.97 20.58 -26.15
CA LYS A 123 32.36 19.48 -26.90
C LYS A 123 33.36 18.42 -27.39
N GLU A 124 34.66 18.67 -27.23
CA GLU A 124 35.65 17.77 -27.84
C GLU A 124 35.57 16.38 -27.20
N LYS A 125 35.28 16.32 -25.91
CA LYS A 125 35.00 15.04 -25.28
C LYS A 125 33.49 14.87 -25.24
N TYR A 126 32.81 15.91 -25.74
CA TYR A 126 31.35 16.02 -25.90
C TYR A 126 30.65 16.65 -24.71
N THR A 127 31.13 16.38 -23.51
CA THR A 127 30.22 16.41 -22.37
C THR A 127 30.71 16.93 -21.03
N GLY A 128 31.34 18.11 -21.03
CA GLY A 128 31.51 18.88 -19.82
C GLY A 128 32.70 18.61 -18.93
N SER A 129 32.57 19.08 -17.69
CA SER A 129 33.60 18.88 -16.69
C SER A 129 33.03 19.07 -15.28
N TYR A 134 29.86 11.86 -25.44
CA TYR A 134 30.71 10.70 -25.33
C TYR A 134 31.16 10.50 -23.89
N THR A 135 30.41 11.09 -22.94
CA THR A 135 30.31 10.44 -21.66
C THR A 135 29.50 9.18 -21.97
N THR A 136 28.64 9.27 -22.97
CA THR A 136 27.84 8.12 -23.36
C THR A 136 28.01 7.67 -24.82
N THR A 137 28.15 6.36 -24.98
CA THR A 137 28.44 5.79 -26.29
C THR A 137 27.28 4.95 -26.83
N GLU A 138 27.43 4.44 -28.05
CA GLU A 138 26.35 3.71 -28.70
C GLU A 138 26.73 2.24 -28.93
N VAL A 150 -1.10 3.99 -13.77
CA VAL A 150 -1.24 4.84 -14.94
C VAL A 150 -1.45 6.29 -14.53
N ASN A 151 -2.03 6.49 -13.34
CA ASN A 151 -2.23 7.83 -12.79
C ASN A 151 -1.04 8.30 -11.96
N ILE A 152 -0.32 9.29 -12.48
CA ILE A 152 0.86 9.80 -11.80
C ILE A 152 0.63 11.26 -11.37
N PRO A 153 1.39 11.74 -10.37
CA PRO A 153 1.25 13.12 -9.88
C PRO A 153 1.52 14.17 -10.94
N GLU A 154 0.99 15.37 -10.76
CA GLU A 154 1.22 16.44 -11.70
C GLU A 154 2.69 16.85 -11.64
N TYR A 155 3.23 16.86 -10.43
CA TYR A 155 4.62 17.20 -10.18
C TYR A 155 5.35 16.10 -9.44
N VAL A 156 6.61 15.83 -9.82
CA VAL A 156 7.46 14.91 -9.06
C VAL A 156 8.84 15.56 -8.88
N ASP A 157 9.40 15.45 -7.68
CA ASP A 157 10.74 15.95 -7.38
C ASP A 157 11.35 15.13 -6.24
N TRP A 158 12.13 14.14 -6.58
CA TRP A 158 12.71 13.26 -5.58
C TRP A 158 13.67 13.94 -4.60
N ARG A 159 14.19 15.13 -4.95
CA ARG A 159 14.97 15.92 -3.98
C ARG A 159 14.14 16.27 -2.74
N GLN A 160 12.86 16.46 -2.93
CA GLN A 160 11.99 16.87 -1.84
C GLN A 160 11.74 15.70 -0.87
N LYS A 161 11.96 14.47 -1.35
CA LYS A 161 11.75 13.28 -0.53
C LYS A 161 13.05 12.79 0.10
N GLY A 162 14.11 13.58 0.01
CA GLY A 162 15.37 13.21 0.60
C GLY A 162 16.05 12.03 -0.09
N ALA A 163 15.76 11.85 -1.38
CA ALA A 163 16.23 10.67 -2.10
C ALA A 163 17.38 10.97 -3.05
N VAL A 164 17.81 12.23 -3.06
CA VAL A 164 18.87 12.67 -3.97
C VAL A 164 20.04 13.29 -3.21
N THR A 165 21.25 12.78 -3.43
CA THR A 165 22.44 13.34 -2.77
C THR A 165 22.82 14.72 -3.34
N PRO A 166 23.77 15.41 -2.68
CA PRO A 166 24.20 16.68 -3.27
C PRO A 166 24.81 16.52 -4.65
N VAL A 167 24.63 17.55 -5.48
CA VAL A 167 25.18 17.57 -6.82
C VAL A 167 26.68 17.34 -6.87
N LYS A 168 27.09 16.46 -7.78
CA LYS A 168 28.49 16.06 -7.94
C LYS A 168 29.11 16.66 -9.20
N ASN A 169 30.44 16.56 -9.31
CA ASN A 169 31.15 17.06 -10.48
C ASN A 169 32.05 15.99 -11.07
N GLN A 170 31.77 15.59 -12.32
CA GLN A 170 32.55 14.56 -12.99
C GLN A 170 33.92 15.06 -13.43
N GLY A 171 34.12 16.37 -13.43
CA GLY A 171 35.42 16.94 -13.81
C GLY A 171 35.77 16.67 -15.26
N SER A 172 37.05 16.75 -15.62
CA SER A 172 37.45 16.50 -17.00
C SER A 172 37.69 15.00 -17.22
N CYS A 173 36.60 14.26 -17.17
CA CYS A 173 36.59 12.81 -17.29
C CYS A 173 35.23 12.50 -17.88
N GLY A 174 35.18 11.72 -18.95
CA GLY A 174 33.91 11.40 -19.55
C GLY A 174 33.21 10.25 -18.83
N SER A 175 32.90 10.48 -17.56
CA SER A 175 32.40 9.43 -16.69
C SER A 175 30.92 9.56 -16.32
N ALA A 176 30.17 10.39 -17.04
CA ALA A 176 28.80 10.67 -16.63
C ALA A 176 27.90 9.45 -16.61
N TRP A 177 28.24 8.44 -17.43
CA TRP A 177 27.53 7.16 -17.41
C TRP A 177 27.53 6.58 -16.00
N ALA A 178 28.65 6.76 -15.31
CA ALA A 178 28.78 6.21 -13.94
C ALA A 178 28.03 7.10 -12.95
N PHE A 179 28.15 8.42 -13.09
CA PHE A 179 27.40 9.34 -12.22
C PHE A 179 25.92 9.12 -12.35
N SER A 180 25.45 9.00 -13.58
CA SER A 180 24.05 8.75 -13.86
C SER A 180 23.56 7.47 -13.16
N ALA A 181 24.30 6.39 -13.34
CA ALA A 181 23.94 5.13 -12.70
C ALA A 181 23.96 5.23 -11.18
N VAL A 182 25.03 5.80 -10.63
CA VAL A 182 25.14 5.87 -9.17
C VAL A 182 24.00 6.70 -8.57
N SER A 183 23.63 7.78 -9.24
CA SER A 183 22.58 8.64 -8.69
C SER A 183 21.30 7.85 -8.53
N THR A 184 20.96 7.05 -9.53
CA THR A 184 19.73 6.27 -9.45
C THR A 184 19.80 5.15 -8.39
N ILE A 185 21.00 4.64 -8.14
CA ILE A 185 21.16 3.61 -7.11
C ILE A 185 21.03 4.24 -5.73
N GLU A 186 21.73 5.35 -5.52
CA GLU A 186 21.58 6.10 -4.26
C GLU A 186 20.10 6.33 -3.94
N SER A 187 19.35 6.73 -4.95
CA SER A 187 17.92 7.06 -4.81
C SER A 187 17.05 5.85 -4.49
N ILE A 188 17.20 4.77 -5.26
CA ILE A 188 16.34 3.60 -5.04
C ILE A 188 16.64 2.93 -3.69
N ILE A 189 17.86 3.05 -3.20
CA ILE A 189 18.15 2.49 -1.87
C ILE A 189 17.50 3.32 -0.77
N LYS A 190 17.41 4.63 -0.99
CA LYS A 190 16.70 5.50 -0.06
C LYS A 190 15.24 5.13 -0.10
N ILE A 191 14.71 5.08 -1.31
CA ILE A 191 13.28 4.82 -1.50
C ILE A 191 12.87 3.50 -0.84
N ARG A 192 13.70 2.48 -1.00
CA ARG A 192 13.38 1.17 -0.46
C ARG A 192 13.72 1.00 1.02
N THR A 193 14.81 1.61 1.50
CA THR A 193 15.29 1.35 2.86
C THR A 193 15.23 2.55 3.83
N GLY A 194 15.03 3.75 3.32
CA GLY A 194 14.94 4.92 4.18
C GLY A 194 16.24 5.66 4.40
N ASN A 195 17.34 5.10 3.89
CA ASN A 195 18.65 5.70 4.10
C ASN A 195 19.27 6.22 2.81
N LEU A 196 19.70 7.49 2.83
CA LEU A 196 20.40 8.11 1.70
C LEU A 196 21.90 8.00 1.88
N ASN A 197 22.55 7.23 1.02
CA ASN A 197 23.99 6.99 1.07
C ASN A 197 24.67 7.52 -0.19
N GLU A 198 25.98 7.74 -0.14
CA GLU A 198 26.71 8.09 -1.34
C GLU A 198 27.52 6.88 -1.77
N TYR A 199 27.37 6.48 -3.03
CA TYR A 199 28.11 5.32 -3.53
C TYR A 199 29.16 5.73 -4.55
N SER A 200 29.98 4.77 -4.97
CA SER A 200 31.21 5.08 -5.70
C SER A 200 31.10 5.12 -7.22
N GLU A 201 31.18 6.31 -7.80
CA GLU A 201 31.32 6.42 -9.27
C GLU A 201 32.66 5.84 -9.72
N GLN A 202 33.70 6.12 -8.93
CA GLN A 202 35.05 5.71 -9.27
C GLN A 202 35.09 4.20 -9.47
N GLU A 203 34.37 3.47 -8.62
CA GLU A 203 34.34 2.00 -8.69
C GLU A 203 33.80 1.53 -10.04
N LEU A 204 32.73 2.15 -10.52
CA LEU A 204 32.14 1.74 -11.78
C LEU A 204 33.04 2.14 -12.94
N LEU A 205 33.60 3.34 -12.86
CA LEU A 205 34.65 3.83 -13.76
C LEU A 205 35.80 2.83 -13.95
N ASP A 206 36.38 2.39 -12.84
CA ASP A 206 37.48 1.43 -12.85
C ASP A 206 37.09 0.01 -13.27
N CYS A 207 35.90 -0.42 -12.86
CA CYS A 207 35.58 -1.85 -12.89
C CYS A 207 34.63 -2.31 -14.00
N ASP A 208 33.84 -1.40 -14.57
CA ASP A 208 32.90 -1.79 -15.63
C ASP A 208 33.64 -2.09 -16.94
N ARG A 209 33.83 -3.38 -17.24
CA ARG A 209 34.64 -3.75 -18.39
C ARG A 209 33.97 -3.48 -19.75
N ARG A 210 32.67 -3.22 -19.76
CA ARG A 210 31.98 -2.91 -21.02
C ARG A 210 32.10 -1.44 -21.36
N SER A 211 32.47 -0.63 -20.37
CA SER A 211 32.60 0.79 -20.60
C SER A 211 34.06 1.15 -20.83
N TYR A 212 34.34 2.43 -21.05
CA TYR A 212 35.68 2.86 -21.45
C TYR A 212 36.28 3.91 -20.53
N GLY A 213 35.97 3.81 -19.23
CA GLY A 213 36.52 4.74 -18.26
C GLY A 213 36.15 6.19 -18.55
N CYS A 214 37.16 7.05 -18.60
CA CYS A 214 36.95 8.47 -18.86
C CYS A 214 36.64 8.76 -20.31
N ASN A 215 36.71 7.74 -21.16
CA ASN A 215 36.34 7.90 -22.57
C ASN A 215 34.90 7.52 -22.84
N GLY A 216 34.11 7.38 -21.79
CA GLY A 216 32.70 7.12 -21.97
C GLY A 216 32.27 5.71 -21.64
N GLY A 217 30.95 5.49 -21.58
CA GLY A 217 30.46 4.18 -21.20
C GLY A 217 28.97 4.08 -21.22
N TYR A 218 28.45 3.12 -20.48
CA TYR A 218 27.05 2.70 -20.58
C TYR A 218 26.38 2.64 -19.22
N PRO A 219 25.36 3.50 -19.01
CA PRO A 219 24.59 3.43 -17.76
C PRO A 219 24.04 2.03 -17.53
N TRP A 220 23.56 1.34 -18.56
CA TRP A 220 22.94 0.03 -18.34
C TRP A 220 23.95 -1.02 -17.87
N SER A 221 25.19 -0.92 -18.35
CA SER A 221 26.27 -1.80 -17.92
C SER A 221 26.63 -1.53 -16.47
N ALA A 222 26.78 -0.25 -16.13
CA ALA A 222 27.09 0.13 -14.75
C ALA A 222 26.01 -0.36 -13.79
N LEU A 223 24.75 -0.17 -14.16
CA LEU A 223 23.65 -0.64 -13.33
C LEU A 223 23.64 -2.16 -13.18
N GLN A 224 23.95 -2.86 -14.27
CA GLN A 224 24.00 -4.32 -14.24
C GLN A 224 25.10 -4.80 -13.29
N LEU A 225 26.22 -4.10 -13.27
CA LEU A 225 27.33 -4.49 -12.39
C LEU A 225 26.93 -4.45 -10.91
N VAL A 226 26.17 -3.42 -10.55
CA VAL A 226 25.73 -3.23 -9.18
C VAL A 226 24.66 -4.26 -8.80
N ALA A 227 23.87 -4.69 -9.78
CA ALA A 227 22.88 -5.75 -9.56
C ALA A 227 23.54 -7.11 -9.38
N GLN A 228 24.59 -7.35 -10.14
CA GLN A 228 25.20 -8.68 -10.13
C GLN A 228 26.23 -8.84 -9.02
N TYR A 229 26.92 -7.75 -8.72
CA TYR A 229 28.01 -7.79 -7.77
C TYR A 229 27.70 -6.90 -6.57
N GLY A 230 27.60 -5.60 -6.82
CA GLY A 230 27.33 -4.64 -5.78
C GLY A 230 28.17 -3.40 -5.98
N ILE A 231 28.19 -2.53 -4.96
CA ILE A 231 28.92 -1.26 -5.05
C ILE A 231 29.35 -0.84 -3.66
N HIS A 232 30.50 -0.17 -3.58
CA HIS A 232 30.97 0.34 -2.29
C HIS A 232 30.58 1.80 -2.07
N TYR A 233 30.69 2.25 -0.82
CA TYR A 233 30.45 3.66 -0.48
C TYR A 233 31.46 4.60 -1.11
N ARG A 234 31.03 5.84 -1.34
CA ARG A 234 31.92 6.87 -1.88
C ARG A 234 33.19 7.02 -1.05
N ASN A 235 33.03 7.10 0.26
CA ASN A 235 34.14 7.30 1.16
C ASN A 235 35.13 6.14 1.12
N THR A 236 34.62 4.95 0.84
CA THR A 236 35.46 3.75 0.69
C THR A 236 36.31 3.78 -0.60
N TYR A 237 35.75 4.37 -1.66
CA TYR A 237 36.33 4.29 -2.99
C TYR A 237 36.05 5.67 -3.63
N PRO A 238 36.78 6.70 -3.19
CA PRO A 238 36.45 8.07 -3.59
C PRO A 238 36.78 8.37 -5.04
N TYR A 239 36.24 9.45 -5.55
CA TYR A 239 36.38 9.79 -6.96
C TYR A 239 37.70 10.47 -7.26
N GLU A 240 38.37 9.99 -8.31
CA GLU A 240 39.66 10.53 -8.73
C GLU A 240 39.63 11.23 -10.11
N GLY A 241 38.58 10.98 -10.89
CA GLY A 241 38.45 11.63 -12.20
C GLY A 241 39.44 11.11 -13.23
N VAL A 242 40.01 9.94 -12.94
CA VAL A 242 40.96 9.26 -13.82
C VAL A 242 40.72 7.77 -13.63
N GLN A 243 40.74 6.98 -14.70
CA GLN A 243 40.51 5.55 -14.53
C GLN A 243 41.77 4.85 -14.02
N ARG A 244 41.60 4.08 -12.96
CA ARG A 244 42.69 3.26 -12.45
C ARG A 244 42.26 1.80 -12.50
N TYR A 245 43.05 0.90 -11.92
CA TYR A 245 42.65 -0.50 -11.97
C TYR A 245 41.51 -0.75 -10.98
N CYS A 246 40.72 -1.78 -11.23
CA CYS A 246 39.58 -2.12 -10.38
C CYS A 246 40.04 -2.56 -9.00
N ARG A 247 39.62 -1.84 -7.96
CA ARG A 247 40.12 -2.10 -6.61
C ARG A 247 39.01 -2.59 -5.71
N SER A 248 37.91 -3.04 -6.32
CA SER A 248 36.78 -3.59 -5.57
C SER A 248 37.17 -4.62 -4.51
N ARG A 249 38.05 -5.55 -4.87
CA ARG A 249 38.30 -6.65 -3.96
C ARG A 249 39.11 -6.19 -2.74
N GLU A 250 39.91 -5.14 -2.91
CA GLU A 250 40.67 -4.53 -1.82
C GLU A 250 39.82 -3.87 -0.72
N LYS A 251 38.60 -3.51 -1.06
CA LYS A 251 37.80 -2.67 -0.16
C LYS A 251 36.75 -3.48 0.62
N GLY A 252 36.91 -4.79 0.61
CA GLY A 252 36.07 -5.66 1.41
C GLY A 252 34.68 -5.78 0.84
N PRO A 253 33.75 -6.27 1.67
CA PRO A 253 32.34 -6.48 1.33
C PRO A 253 31.69 -5.24 0.70
N TYR A 254 30.80 -5.44 -0.26
CA TYR A 254 30.05 -4.34 -0.88
C TYR A 254 29.17 -3.64 0.16
N ALA A 255 28.82 -2.39 -0.10
CA ALA A 255 27.97 -1.62 0.80
C ALA A 255 26.49 -1.84 0.46
N ALA A 256 26.24 -2.05 -0.82
CA ALA A 256 24.89 -2.26 -1.32
C ALA A 256 24.91 -3.07 -2.61
N LYS A 257 23.80 -3.71 -2.90
CA LYS A 257 23.68 -4.52 -4.09
C LYS A 257 22.23 -4.49 -4.53
N THR A 258 21.98 -4.18 -5.79
CA THR A 258 20.61 -4.12 -6.26
C THR A 258 20.14 -5.48 -6.77
N ASP A 259 18.89 -5.57 -7.21
CA ASP A 259 18.31 -6.84 -7.62
C ASP A 259 18.05 -6.91 -9.11
N GLY A 260 18.46 -5.91 -9.84
CA GLY A 260 18.30 -5.96 -11.28
C GLY A 260 18.31 -4.60 -11.93
N VAL A 261 18.01 -4.59 -13.23
CA VAL A 261 17.97 -3.38 -14.05
C VAL A 261 16.78 -3.48 -15.00
N ARG A 262 16.08 -2.38 -15.21
CA ARG A 262 14.99 -2.36 -16.19
C ARG A 262 15.23 -1.24 -17.20
N GLN A 263 14.76 -1.47 -18.43
CA GLN A 263 14.77 -0.42 -19.43
C GLN A 263 13.38 0.16 -19.57
N VAL A 264 13.28 1.48 -19.63
CA VAL A 264 12.01 2.11 -19.97
C VAL A 264 11.78 1.89 -21.48
N GLN A 265 10.54 1.63 -21.90
CA GLN A 265 10.27 1.58 -23.33
C GLN A 265 10.71 2.90 -23.98
N PRO A 266 11.63 2.82 -24.96
CA PRO A 266 12.25 4.04 -25.51
C PRO A 266 11.32 4.83 -26.41
N TYR A 267 11.65 6.09 -26.64
CA TYR A 267 10.87 6.99 -27.49
C TYR A 267 9.41 7.07 -27.06
N ASN A 268 9.20 7.13 -25.75
CA ASN A 268 7.85 7.16 -25.20
C ASN A 268 7.85 8.01 -23.95
N GLU A 269 7.28 9.20 -24.06
CA GLU A 269 7.27 10.16 -22.96
C GLU A 269 6.47 9.69 -21.75
N GLY A 270 5.26 9.18 -21.97
CA GLY A 270 4.41 8.68 -20.89
C GLY A 270 5.09 7.57 -20.10
N ALA A 271 5.79 6.71 -20.82
CA ALA A 271 6.50 5.60 -20.22
C ALA A 271 7.56 6.14 -19.27
N LEU A 272 8.33 7.12 -19.73
CA LEU A 272 9.40 7.67 -18.92
C LEU A 272 8.83 8.39 -17.69
N LEU A 273 7.76 9.16 -17.88
CA LEU A 273 7.12 9.86 -16.76
C LEU A 273 6.66 8.89 -15.67
N TYR A 274 6.08 7.78 -16.11
CA TYR A 274 5.60 6.79 -15.17
C TYR A 274 6.77 6.23 -14.37
N SER A 275 7.88 5.96 -15.05
CA SER A 275 9.05 5.44 -14.37
C SER A 275 9.57 6.44 -13.36
N ILE A 276 9.65 7.70 -13.77
CA ILE A 276 10.14 8.75 -12.87
C ILE A 276 9.28 8.88 -11.61
N ALA A 277 7.97 8.77 -11.77
CA ALA A 277 7.05 8.80 -10.64
C ALA A 277 7.32 7.67 -9.64
N ASN A 278 7.95 6.59 -10.09
CA ASN A 278 8.29 5.51 -9.18
C ASN A 278 9.68 5.63 -8.59
N GLN A 279 10.64 6.10 -9.39
CA GLN A 279 12.02 6.30 -8.94
C GLN A 279 12.83 7.06 -10.00
N PRO A 280 13.89 7.76 -9.58
CA PRO A 280 14.80 8.37 -10.55
C PRO A 280 15.32 7.38 -11.61
N VAL A 281 15.50 7.91 -12.82
CA VAL A 281 15.77 7.10 -13.99
C VAL A 281 17.03 7.62 -14.67
N SER A 282 17.91 6.72 -15.08
CA SER A 282 19.09 7.09 -15.86
C SER A 282 18.65 7.39 -17.29
N VAL A 283 18.96 8.58 -17.81
CA VAL A 283 18.57 8.94 -19.18
C VAL A 283 19.76 9.56 -19.91
N VAL A 284 19.64 9.69 -21.23
CA VAL A 284 20.74 10.24 -22.01
C VAL A 284 20.21 11.38 -22.87
N LEU A 285 21.09 12.29 -23.25
CA LEU A 285 20.72 13.40 -24.10
C LEU A 285 21.92 13.96 -24.85
N GLU A 286 21.64 14.82 -25.81
CA GLU A 286 22.68 15.51 -26.55
C GLU A 286 23.01 16.80 -25.80
N ALA A 287 24.17 16.82 -25.14
CA ALA A 287 24.58 17.90 -24.23
C ALA A 287 25.70 18.80 -24.77
N ALA A 288 26.16 18.53 -25.98
CA ALA A 288 27.37 19.17 -26.52
C ALA A 288 27.18 20.61 -27.07
N GLY A 289 25.93 21.02 -27.30
CA GLY A 289 25.64 22.35 -27.87
C GLY A 289 26.04 23.53 -26.98
N LYS A 290 26.28 24.66 -27.61
CA LYS A 290 26.72 25.85 -26.89
C LYS A 290 25.64 26.38 -25.97
N ASP A 291 24.38 26.22 -26.35
CA ASP A 291 23.28 26.66 -25.48
C ASP A 291 23.12 25.78 -24.23
N PHE A 292 23.39 24.48 -24.38
CA PHE A 292 23.36 23.56 -23.27
C PHE A 292 24.55 23.85 -22.35
N GLN A 293 25.71 24.04 -22.95
CA GLN A 293 26.93 24.40 -22.23
C GLN A 293 26.72 25.64 -21.35
N LEU A 294 26.15 26.68 -21.95
CA LEU A 294 26.04 27.96 -21.24
C LEU A 294 24.69 28.14 -20.56
N TYR A 295 23.93 27.07 -20.44
CA TYR A 295 22.61 27.12 -19.82
C TYR A 295 22.68 27.60 -18.37
N ARG A 296 21.78 28.54 -18.05
CA ARG A 296 21.67 29.14 -16.71
C ARG A 296 20.35 28.77 -16.00
N GLY A 297 19.21 28.92 -16.66
CA GLY A 297 17.96 28.57 -16.02
C GLY A 297 16.78 28.61 -16.98
N GLY A 298 15.63 28.12 -16.52
CA GLY A 298 14.42 28.17 -17.32
C GLY A 298 14.20 26.82 -17.99
N ILE A 299 13.12 26.73 -18.77
CA ILE A 299 12.79 25.47 -19.41
C ILE A 299 13.46 25.40 -20.77
N PHE A 300 14.35 24.43 -20.95
CA PHE A 300 15.19 24.32 -22.14
C PHE A 300 14.45 23.63 -23.28
N VAL A 301 14.32 24.32 -24.41
CA VAL A 301 13.53 23.81 -25.52
C VAL A 301 14.42 23.44 -26.69
N GLY A 302 15.72 23.65 -26.53
CA GLY A 302 16.65 23.50 -27.63
C GLY A 302 17.33 24.84 -27.89
N PRO A 303 18.14 24.93 -28.96
CA PRO A 303 18.26 23.89 -29.99
C PRO A 303 19.18 22.76 -29.55
N CYS A 304 18.85 21.54 -29.96
CA CYS A 304 19.70 20.37 -29.78
C CYS A 304 19.19 19.27 -30.69
N GLY A 305 20.10 18.44 -31.19
CA GLY A 305 19.69 17.28 -31.97
C GLY A 305 19.47 16.03 -31.14
N ASN A 306 19.53 14.89 -31.80
CA ASN A 306 19.22 13.60 -31.19
C ASN A 306 20.43 12.68 -31.05
N LYS A 307 21.61 13.26 -31.22
CA LYS A 307 22.84 12.48 -31.20
C LYS A 307 23.31 12.48 -29.75
N VAL A 308 22.62 11.68 -28.95
CA VAL A 308 22.86 11.68 -27.51
C VAL A 308 24.32 11.35 -27.20
N ASP A 309 24.87 12.00 -26.18
CA ASP A 309 26.29 11.91 -25.92
C ASP A 309 26.64 11.97 -24.43
N HIS A 310 25.61 12.04 -23.58
CA HIS A 310 25.82 12.35 -22.16
C HIS A 310 24.73 11.69 -21.34
N ALA A 311 25.11 11.06 -20.22
CA ALA A 311 24.12 10.49 -19.31
C ALA A 311 23.86 11.39 -18.10
N VAL A 312 22.61 11.44 -17.67
CA VAL A 312 22.18 12.26 -16.54
C VAL A 312 21.11 11.48 -15.78
N ALA A 313 20.54 12.08 -14.74
CA ALA A 313 19.47 11.42 -14.00
C ALA A 313 18.17 12.24 -14.02
N ALA A 314 17.07 11.59 -14.40
CA ALA A 314 15.77 12.23 -14.37
C ALA A 314 15.19 12.06 -12.97
N VAL A 315 15.19 13.13 -12.17
CA VAL A 315 14.75 13.01 -10.78
C VAL A 315 13.39 13.62 -10.54
N GLY A 316 12.70 13.98 -11.62
CA GLY A 316 11.37 14.54 -11.42
C GLY A 316 10.80 15.11 -12.69
N TYR A 317 9.63 15.77 -12.55
CA TYR A 317 8.97 16.41 -13.69
C TYR A 317 7.81 17.30 -13.26
N GLY A 318 7.29 18.05 -14.24
CA GLY A 318 6.12 18.87 -14.06
C GLY A 318 5.37 18.89 -15.38
N PRO A 319 4.28 19.65 -15.48
CA PRO A 319 3.44 19.67 -16.68
C PRO A 319 4.20 19.89 -17.98
N ASN A 320 5.24 20.72 -17.94
CA ASN A 320 5.93 21.20 -19.13
C ASN A 320 7.37 20.75 -19.27
N TYR A 321 7.87 20.01 -18.30
CA TYR A 321 9.29 19.71 -18.29
C TYR A 321 9.58 18.38 -17.59
N ILE A 322 10.80 17.92 -17.79
CA ILE A 322 11.37 16.81 -17.06
C ILE A 322 12.54 17.39 -16.28
N LEU A 323 12.66 17.04 -15.00
CA LEU A 323 13.69 17.60 -14.14
C LEU A 323 14.94 16.73 -14.18
N ILE A 324 16.06 17.35 -14.55
CA ILE A 324 17.27 16.61 -14.88
C ILE A 324 18.44 16.99 -13.98
N ARG A 325 19.01 16.00 -13.31
CA ARG A 325 20.21 16.16 -12.47
C ARG A 325 21.46 15.90 -13.30
N ASN A 326 22.30 16.94 -13.44
CA ASN A 326 23.56 16.83 -14.20
C ASN A 326 24.75 16.62 -13.24
N SER A 327 25.92 16.33 -13.79
CA SER A 327 27.11 16.02 -12.96
C SER A 327 28.26 16.95 -13.32
N TRP A 328 27.92 18.23 -13.48
CA TRP A 328 28.85 19.30 -13.82
C TRP A 328 28.99 20.29 -12.68
N GLY A 329 28.64 19.85 -11.48
CA GLY A 329 28.69 20.71 -10.30
C GLY A 329 27.53 21.70 -10.21
N THR A 330 27.51 22.49 -9.14
CA THR A 330 26.40 23.40 -8.90
C THR A 330 26.56 24.71 -9.67
N GLY A 331 27.72 24.94 -10.27
CA GLY A 331 27.94 26.18 -11.02
C GLY A 331 27.43 26.17 -12.47
N TRP A 332 26.70 25.11 -12.81
CA TRP A 332 26.06 24.98 -14.11
C TRP A 332 24.56 24.95 -13.94
N GLY A 333 23.81 25.54 -14.87
CA GLY A 333 22.37 25.43 -14.82
C GLY A 333 21.75 25.86 -13.51
N GLU A 334 20.64 25.22 -13.13
CA GLU A 334 19.88 25.62 -11.93
C GLU A 334 20.43 24.86 -10.73
N ASN A 335 21.54 25.39 -10.19
CA ASN A 335 22.30 24.73 -9.14
C ASN A 335 22.63 23.28 -9.46
N GLY A 336 22.95 23.03 -10.73
CA GLY A 336 23.31 21.69 -11.16
C GLY A 336 22.28 20.95 -11.97
N TYR A 337 21.06 21.50 -12.04
CA TYR A 337 19.91 20.87 -12.70
C TYR A 337 19.50 21.61 -13.94
N ILE A 338 18.79 20.94 -14.82
CA ILE A 338 18.15 21.59 -15.98
C ILE A 338 16.73 21.04 -16.11
N ARG A 339 15.80 21.92 -16.46
CA ARG A 339 14.44 21.50 -16.76
C ARG A 339 14.30 21.48 -18.26
N ILE A 340 14.09 20.28 -18.79
CA ILE A 340 14.00 20.08 -20.22
C ILE A 340 12.56 19.98 -20.65
N LYS A 341 12.19 20.78 -21.64
CA LYS A 341 10.86 20.79 -22.21
C LYS A 341 10.35 19.40 -22.52
N ARG A 342 9.09 19.14 -22.19
CA ARG A 342 8.46 17.91 -22.64
C ARG A 342 7.15 18.23 -23.33
N GLY A 343 6.50 17.20 -23.85
CA GLY A 343 5.17 17.37 -24.41
C GLY A 343 5.15 17.91 -25.82
N THR A 344 6.27 17.84 -26.52
CA THR A 344 6.33 18.37 -27.88
C THR A 344 5.82 17.35 -28.90
N GLY A 345 5.37 16.19 -28.43
CA GLY A 345 4.91 15.14 -29.33
C GLY A 345 6.04 14.37 -29.96
N ASN A 346 7.19 15.03 -30.09
CA ASN A 346 8.41 14.45 -30.65
C ASN A 346 8.89 13.23 -29.88
N SER A 347 8.86 12.07 -30.54
CA SER A 347 9.11 10.78 -29.89
C SER A 347 10.55 10.64 -29.38
N TYR A 348 11.49 11.35 -29.98
CA TYR A 348 12.87 11.35 -29.48
C TYR A 348 13.01 12.01 -28.12
N GLY A 349 12.10 12.93 -27.83
CA GLY A 349 12.30 13.86 -26.74
C GLY A 349 13.26 14.98 -27.14
N VAL A 350 13.14 16.11 -26.47
CA VAL A 350 14.04 17.22 -26.66
C VAL A 350 15.48 16.77 -26.33
N CYS A 351 16.41 17.11 -27.21
CA CYS A 351 17.80 16.64 -27.11
C CYS A 351 17.90 15.10 -27.11
N GLY A 352 16.91 14.41 -27.68
CA GLY A 352 16.89 12.95 -27.70
C GLY A 352 16.75 12.28 -26.34
N LEU A 353 16.09 12.97 -25.41
CA LEU A 353 15.97 12.55 -24.01
C LEU A 353 15.31 11.17 -23.84
N TYR A 354 14.54 10.72 -24.82
CA TYR A 354 13.79 9.47 -24.65
C TYR A 354 14.50 8.27 -25.28
N THR A 355 15.76 8.47 -25.66
CA THR A 355 16.49 7.48 -26.45
C THR A 355 16.87 6.20 -25.68
N SER A 356 17.27 6.32 -24.43
CA SER A 356 17.83 5.16 -23.73
C SER A 356 17.82 5.34 -22.22
N SER A 357 16.82 4.77 -21.56
CA SER A 357 16.59 5.07 -20.15
C SER A 357 16.48 3.79 -19.33
N PHE A 358 17.21 3.73 -18.22
CA PHE A 358 17.31 2.53 -17.40
C PHE A 358 17.20 2.90 -15.94
N TYR A 359 16.71 1.97 -15.13
CA TYR A 359 16.66 2.20 -13.69
C TYR A 359 16.94 0.92 -12.92
N PRO A 360 17.51 1.07 -11.72
CA PRO A 360 17.83 -0.08 -10.88
C PRO A 360 16.59 -0.63 -10.20
N VAL A 361 16.58 -1.95 -9.96
CA VAL A 361 15.52 -2.60 -9.21
C VAL A 361 16.06 -3.02 -7.85
N LYS A 362 15.30 -2.74 -6.80
CA LYS A 362 15.70 -3.11 -5.44
C LYS A 362 14.48 -3.62 -4.67
N ASN A 363 14.47 -4.91 -4.37
CA ASN A 363 13.34 -5.53 -3.68
C ASN A 363 13.23 -5.08 -2.22
N SER B 47 -25.57 -37.99 10.16
CA SER B 47 -24.33 -37.20 10.21
C SER B 47 -24.48 -35.90 9.42
N ILE B 48 -24.81 -36.04 8.14
CA ILE B 48 -25.17 -34.89 7.32
C ILE B 48 -26.30 -34.11 8.01
N VAL B 49 -27.36 -34.83 8.34
CA VAL B 49 -28.51 -34.26 9.03
C VAL B 49 -28.63 -34.78 10.47
N GLY B 50 -27.93 -35.87 10.78
CA GLY B 50 -27.86 -36.33 12.15
C GLY B 50 -28.61 -37.61 12.43
N TYR B 51 -29.18 -38.22 11.40
CA TYR B 51 -29.93 -39.45 11.56
C TYR B 51 -30.04 -40.23 10.26
N SER B 52 -30.24 -41.53 10.38
CA SER B 52 -30.47 -42.39 9.22
C SER B 52 -31.96 -42.71 9.11
N GLN B 53 -32.39 -43.20 7.96
CA GLN B 53 -33.79 -43.52 7.74
C GLN B 53 -34.23 -44.69 8.64
N ASN B 54 -33.27 -45.53 9.00
CA ASN B 54 -33.53 -46.62 9.95
C ASN B 54 -34.07 -46.10 11.28
N ASP B 55 -33.55 -44.96 11.73
CA ASP B 55 -33.92 -44.39 13.02
C ASP B 55 -35.40 -44.05 13.14
N LEU B 56 -36.10 -43.93 12.01
CA LEU B 56 -37.49 -43.47 12.00
C LEU B 56 -38.52 -44.61 12.03
N THR B 57 -38.05 -45.84 12.08
CA THR B 57 -38.96 -46.97 11.83
C THR B 57 -39.57 -47.58 13.10
N SER B 58 -39.37 -46.94 14.25
CA SER B 58 -40.02 -47.36 15.49
C SER B 58 -39.81 -46.33 16.58
N THR B 59 -40.60 -46.36 17.63
CA THR B 59 -40.41 -45.40 18.70
C THR B 59 -39.16 -45.79 19.47
N GLU B 60 -38.83 -47.07 19.46
CA GLU B 60 -37.60 -47.51 20.14
C GLU B 60 -36.39 -46.92 19.44
N ARG B 61 -36.40 -46.93 18.12
CA ARG B 61 -35.27 -46.41 17.36
C ARG B 61 -35.17 -44.88 17.48
N LEU B 62 -36.31 -44.20 17.53
CA LEU B 62 -36.32 -42.78 17.78
C LEU B 62 -35.67 -42.46 19.14
N ILE B 63 -35.98 -43.26 20.13
CA ILE B 63 -35.46 -43.07 21.49
C ILE B 63 -33.95 -43.25 21.53
N GLN B 64 -33.45 -44.24 20.77
CA GLN B 64 -32.03 -44.51 20.74
C GLN B 64 -31.30 -43.39 20.00
N LEU B 65 -31.91 -42.92 18.91
CA LEU B 65 -31.37 -41.80 18.15
C LEU B 65 -31.32 -40.54 19.02
N PHE B 66 -32.36 -40.33 19.83
CA PHE B 66 -32.40 -39.21 20.78
C PHE B 66 -31.29 -39.32 21.83
N GLU B 67 -31.10 -40.53 22.36
CA GLU B 67 -30.05 -40.76 23.34
C GLU B 67 -28.68 -40.48 22.72
N SER B 68 -28.50 -40.90 21.47
CA SER B 68 -27.26 -40.66 20.75
C SER B 68 -27.05 -39.17 20.53
N TRP B 69 -28.13 -38.45 20.20
CA TRP B 69 -28.08 -37.00 20.01
C TRP B 69 -27.69 -36.26 21.28
N MET B 70 -28.22 -36.70 22.42
CA MET B 70 -27.87 -36.10 23.70
C MET B 70 -26.41 -36.32 23.99
N LEU B 71 -25.92 -37.50 23.67
CA LEU B 71 -24.53 -37.83 23.93
C LEU B 71 -23.60 -36.92 23.12
N LYS B 72 -23.90 -36.79 21.83
CA LYS B 72 -23.08 -35.97 20.93
C LYS B 72 -23.01 -34.52 21.40
N HIS B 73 -24.05 -34.08 22.12
CA HIS B 73 -24.18 -32.67 22.47
C HIS B 73 -24.14 -32.39 23.98
N ASN B 74 -23.47 -33.25 24.75
CA ASN B 74 -23.29 -33.08 26.20
C ASN B 74 -24.58 -32.83 26.99
N LYS B 75 -25.73 -33.07 26.36
CA LYS B 75 -27.01 -32.70 26.97
C LYS B 75 -27.28 -33.46 28.26
N ILE B 76 -27.61 -32.70 29.30
CA ILE B 76 -27.85 -33.20 30.64
C ILE B 76 -29.09 -32.51 31.19
N TYR B 77 -30.18 -33.24 31.32
CA TYR B 77 -31.44 -32.65 31.76
C TYR B 77 -31.58 -32.64 33.27
N LYS B 78 -32.58 -31.92 33.78
CA LYS B 78 -32.76 -31.81 35.24
C LYS B 78 -33.29 -33.12 35.79
N ASN B 79 -34.54 -33.41 35.48
CA ASN B 79 -35.17 -34.64 35.93
C ASN B 79 -35.71 -35.47 34.78
N ILE B 80 -36.34 -36.58 35.13
CA ILE B 80 -36.82 -37.55 34.16
C ILE B 80 -37.97 -37.00 33.31
N ASP B 81 -38.85 -36.22 33.93
CA ASP B 81 -39.98 -35.61 33.24
C ASP B 81 -39.50 -34.70 32.12
N GLU B 82 -38.34 -34.08 32.35
CA GLU B 82 -37.76 -33.18 31.37
C GLU B 82 -37.24 -33.95 30.16
N LYS B 83 -36.60 -35.08 30.40
CA LYS B 83 -36.11 -35.93 29.33
C LYS B 83 -37.24 -36.41 28.42
N ILE B 84 -38.34 -36.84 29.02
CA ILE B 84 -39.51 -37.23 28.26
C ILE B 84 -40.03 -36.04 27.46
N TYR B 85 -40.15 -34.89 28.10
CA TYR B 85 -40.63 -33.69 27.43
C TYR B 85 -39.69 -33.33 26.27
N ARG B 86 -38.38 -33.40 26.51
CA ARG B 86 -37.40 -33.09 25.47
C ARG B 86 -37.50 -34.07 24.29
N PHE B 87 -37.74 -35.34 24.60
CA PHE B 87 -37.87 -36.32 23.53
C PHE B 87 -39.03 -35.98 22.58
N GLU B 88 -40.16 -35.59 23.14
CA GLU B 88 -41.34 -35.29 22.34
C GLU B 88 -41.07 -34.13 21.39
N ILE B 89 -40.34 -33.13 21.88
CA ILE B 89 -40.00 -31.97 21.07
C ILE B 89 -39.01 -32.37 20.00
N PHE B 90 -38.01 -33.15 20.40
CA PHE B 90 -37.01 -33.75 19.51
C PHE B 90 -37.67 -34.46 18.35
N LYS B 91 -38.60 -35.35 18.69
CA LYS B 91 -39.40 -36.09 17.72
C LYS B 91 -40.07 -35.17 16.71
N ASP B 92 -40.68 -34.10 17.20
CA ASP B 92 -41.47 -33.23 16.36
C ASP B 92 -40.56 -32.44 15.45
N ASN B 93 -39.46 -31.96 16.00
CA ASN B 93 -38.48 -31.30 15.18
C ASN B 93 -37.92 -32.25 14.13
N LEU B 94 -37.71 -33.51 14.48
CA LEU B 94 -37.17 -34.48 13.55
C LEU B 94 -38.10 -34.65 12.35
N LYS B 95 -39.39 -34.77 12.64
CA LYS B 95 -40.40 -34.87 11.61
C LYS B 95 -40.33 -33.67 10.69
N TYR B 96 -40.22 -32.48 11.27
CA TYR B 96 -40.15 -31.26 10.49
C TYR B 96 -38.91 -31.26 9.59
N ILE B 97 -37.80 -31.71 10.16
CA ILE B 97 -36.53 -31.72 9.48
C ILE B 97 -36.57 -32.66 8.29
N ASP B 98 -37.10 -33.84 8.55
CA ASP B 98 -37.18 -34.88 7.54
C ASP B 98 -38.04 -34.44 6.35
N GLU B 99 -39.18 -33.82 6.64
CA GLU B 99 -40.10 -33.38 5.61
C GLU B 99 -39.56 -32.19 4.82
N THR B 100 -38.89 -31.28 5.52
CA THR B 100 -38.40 -30.07 4.88
C THR B 100 -37.19 -30.35 3.98
N ASN B 101 -36.33 -31.28 4.39
CA ASN B 101 -35.16 -31.63 3.59
C ASN B 101 -35.50 -32.43 2.34
N LYS B 102 -36.76 -32.81 2.18
CA LYS B 102 -37.16 -33.56 1.01
C LYS B 102 -37.29 -32.62 -0.18
N LYS B 103 -37.64 -31.37 0.12
CA LYS B 103 -37.74 -30.34 -0.90
C LYS B 103 -36.35 -29.99 -1.43
N ASN B 104 -36.28 -29.63 -2.71
CA ASN B 104 -35.01 -29.29 -3.34
C ASN B 104 -34.58 -27.87 -2.97
N ASN B 105 -34.28 -27.65 -1.68
CA ASN B 105 -33.76 -26.37 -1.20
C ASN B 105 -32.26 -26.27 -1.38
N SER B 106 -31.72 -25.06 -1.39
CA SER B 106 -30.27 -24.89 -1.47
C SER B 106 -29.62 -25.07 -0.09
N TYR B 107 -30.43 -25.27 0.94
CA TYR B 107 -29.88 -25.57 2.25
C TYR B 107 -30.61 -26.75 2.87
N TRP B 108 -30.10 -27.24 3.99
CA TRP B 108 -30.80 -28.32 4.66
C TRP B 108 -30.77 -28.12 6.16
N LEU B 109 -31.74 -28.74 6.81
CA LEU B 109 -31.87 -28.70 8.27
C LEU B 109 -31.22 -29.95 8.84
N GLY B 110 -31.11 -30.01 10.15
CA GLY B 110 -30.52 -31.17 10.82
C GLY B 110 -30.79 -31.17 12.31
N LEU B 111 -30.50 -32.30 12.96
CA LEU B 111 -30.59 -32.40 14.40
C LEU B 111 -29.40 -31.69 15.03
N ASN B 112 -29.40 -30.37 14.94
CA ASN B 112 -28.28 -29.60 15.47
C ASN B 112 -28.51 -29.38 16.95
N VAL B 113 -27.74 -28.47 17.55
CA VAL B 113 -27.77 -28.25 19.01
C VAL B 113 -29.14 -27.82 19.56
N PHE B 114 -30.05 -27.39 18.69
CA PHE B 114 -31.36 -26.89 19.15
C PHE B 114 -32.50 -27.85 18.83
N ALA B 115 -32.16 -29.09 18.47
CA ALA B 115 -33.18 -30.06 18.05
C ALA B 115 -34.14 -30.40 19.18
N ASP B 116 -33.72 -30.26 20.43
CA ASP B 116 -34.58 -30.57 21.56
C ASP B 116 -35.36 -29.36 22.07
N MET B 117 -35.35 -28.27 21.32
CA MET B 117 -36.06 -27.07 21.72
C MET B 117 -37.23 -26.77 20.79
N SER B 118 -38.38 -26.46 21.36
CA SER B 118 -39.50 -26.01 20.53
C SER B 118 -39.15 -24.62 19.98
N ASN B 119 -39.68 -24.28 18.82
CA ASN B 119 -39.38 -22.97 18.24
C ASN B 119 -39.93 -21.85 19.10
N ASP B 120 -41.04 -22.11 19.79
CA ASP B 120 -41.59 -21.12 20.70
C ASP B 120 -40.60 -20.91 21.82
N GLU B 121 -39.96 -21.98 22.25
CA GLU B 121 -38.98 -21.89 23.33
C GLU B 121 -37.79 -21.11 22.81
N PHE B 122 -37.35 -21.51 21.63
CA PHE B 122 -36.22 -20.90 20.97
C PHE B 122 -36.42 -19.42 20.70
N LYS B 123 -37.63 -19.08 20.24
CA LYS B 123 -37.96 -17.75 19.77
C LYS B 123 -38.26 -16.76 20.88
N GLU B 124 -38.45 -17.26 22.10
CA GLU B 124 -38.92 -16.42 23.20
C GLU B 124 -38.04 -15.18 23.38
N LYS B 125 -36.73 -15.39 23.42
CA LYS B 125 -35.79 -14.27 23.38
C LYS B 125 -35.40 -13.94 21.94
N TYR B 126 -36.06 -14.59 20.99
CA TYR B 126 -35.92 -14.28 19.56
C TYR B 126 -34.54 -14.56 19.01
N THR B 127 -33.70 -15.28 19.76
CA THR B 127 -32.27 -15.24 19.49
C THR B 127 -31.37 -16.40 19.89
N GLY B 128 -31.93 -17.61 19.95
CA GLY B 128 -31.12 -18.78 20.20
C GLY B 128 -30.42 -18.84 21.53
N SER B 129 -29.33 -19.59 21.55
CA SER B 129 -28.48 -19.73 22.73
C SER B 129 -27.17 -20.44 22.39
N TYR B 134 -35.20 -10.14 22.02
CA TYR B 134 -34.17 -10.10 21.01
C TYR B 134 -32.81 -9.80 21.62
N THR B 135 -31.73 -10.31 21.01
CA THR B 135 -30.38 -9.88 21.38
C THR B 135 -30.16 -8.45 20.90
N THR B 136 -30.90 -8.03 19.88
CA THR B 136 -30.85 -6.64 19.44
C THR B 136 -32.24 -5.99 19.47
N THR B 137 -32.49 -5.15 20.46
CA THR B 137 -33.78 -4.48 20.55
C THR B 137 -33.92 -3.47 19.41
N GLU B 138 -35.15 -2.95 19.26
CA GLU B 138 -35.56 -2.13 18.10
C GLU B 138 -35.71 -3.00 16.86
N VAL B 150 -13.09 0.14 -5.96
CA VAL B 150 -14.34 -0.34 -6.50
C VAL B 150 -14.30 -1.86 -6.73
N ASN B 151 -13.16 -2.36 -7.18
CA ASN B 151 -13.01 -3.79 -7.42
C ASN B 151 -12.67 -4.57 -6.14
N ILE B 152 -13.60 -5.42 -5.72
CA ILE B 152 -13.39 -6.24 -4.53
C ILE B 152 -13.29 -7.72 -4.92
N PRO B 153 -12.56 -8.52 -4.11
CA PRO B 153 -12.35 -9.94 -4.40
C PRO B 153 -13.65 -10.70 -4.60
N GLU B 154 -13.59 -11.75 -5.42
CA GLU B 154 -14.77 -12.54 -5.69
C GLU B 154 -15.18 -13.25 -4.41
N TYR B 155 -14.18 -13.69 -3.65
CA TYR B 155 -14.39 -14.40 -2.39
C TYR B 155 -13.63 -13.71 -1.27
N VAL B 156 -14.25 -13.61 -0.10
CA VAL B 156 -13.55 -13.14 1.08
C VAL B 156 -13.90 -14.04 2.25
N ASP B 157 -12.92 -14.35 3.09
CA ASP B 157 -13.11 -15.18 4.28
C ASP B 157 -12.02 -14.85 5.30
N TRP B 158 -12.35 -14.03 6.27
CA TRP B 158 -11.34 -13.50 7.17
C TRP B 158 -10.74 -14.55 8.10
N ARG B 159 -11.41 -15.69 8.24
CA ARG B 159 -10.87 -16.82 9.00
C ARG B 159 -9.54 -17.33 8.45
N GLN B 160 -9.41 -17.30 7.13
CA GLN B 160 -8.21 -17.81 6.49
C GLN B 160 -7.03 -16.86 6.75
N LYS B 161 -7.34 -15.59 7.00
CA LYS B 161 -6.29 -14.62 7.30
C LYS B 161 -5.85 -14.70 8.76
N GLY B 162 -6.48 -15.57 9.54
CA GLY B 162 -6.17 -15.68 10.95
C GLY B 162 -6.75 -14.52 11.72
N ALA B 163 -7.88 -13.99 11.26
CA ALA B 163 -8.45 -12.78 11.85
C ALA B 163 -9.69 -13.05 12.71
N VAL B 164 -10.08 -14.33 12.78
CA VAL B 164 -11.29 -14.73 13.50
C VAL B 164 -11.00 -15.76 14.62
N THR B 165 -11.38 -15.45 15.84
CA THR B 165 -11.20 -16.37 16.98
C THR B 165 -12.15 -17.56 16.86
N PRO B 166 -11.91 -18.64 17.62
CA PRO B 166 -12.86 -19.78 17.56
C PRO B 166 -14.30 -19.38 17.89
N VAL B 167 -15.27 -20.11 17.35
CA VAL B 167 -16.68 -19.80 17.57
C VAL B 167 -17.08 -19.83 19.04
N LYS B 168 -17.86 -18.83 19.46
CA LYS B 168 -18.28 -18.69 20.86
C LYS B 168 -19.74 -19.05 21.02
N ASN B 169 -20.18 -19.15 22.27
CA ASN B 169 -21.56 -19.52 22.57
C ASN B 169 -22.11 -18.56 23.59
N GLN B 170 -23.12 -17.80 23.18
CA GLN B 170 -23.73 -16.81 24.05
C GLN B 170 -24.62 -17.45 25.12
N GLY B 171 -24.92 -18.74 24.94
CA GLY B 171 -25.77 -19.47 25.88
C GLY B 171 -27.17 -18.89 26.03
N SER B 172 -27.78 -19.08 27.18
CA SER B 172 -29.14 -18.60 27.41
C SER B 172 -29.13 -17.17 27.93
N CYS B 173 -28.56 -16.28 27.13
CA CYS B 173 -28.43 -14.88 27.46
C CYS B 173 -28.59 -14.15 26.15
N GLY B 174 -29.43 -13.12 26.11
CA GLY B 174 -29.61 -12.37 24.88
C GLY B 174 -28.51 -11.36 24.63
N SER B 175 -27.29 -11.86 24.45
CA SER B 175 -26.09 -11.03 24.43
C SER B 175 -25.36 -10.95 23.09
N ALA B 176 -25.99 -11.39 22.01
CA ALA B 176 -25.32 -11.46 20.72
C ALA B 176 -24.83 -10.11 20.21
N TRP B 177 -25.48 -9.04 20.66
CA TRP B 177 -25.05 -7.67 20.35
C TRP B 177 -23.62 -7.46 20.84
N ALA B 178 -23.30 -7.98 22.02
CA ALA B 178 -21.93 -7.89 22.53
C ALA B 178 -21.01 -8.84 21.77
N PHE B 179 -21.48 -10.06 21.51
CA PHE B 179 -20.67 -11.01 20.75
C PHE B 179 -20.33 -10.51 19.35
N SER B 180 -21.33 -9.96 18.67
CA SER B 180 -21.13 -9.39 17.34
C SER B 180 -20.08 -8.28 17.36
N ALA B 181 -20.21 -7.36 18.31
CA ALA B 181 -19.25 -6.25 18.41
C ALA B 181 -17.84 -6.74 18.72
N VAL B 182 -17.71 -7.65 19.69
CA VAL B 182 -16.40 -8.13 20.11
C VAL B 182 -15.68 -8.86 18.96
N SER B 183 -16.44 -9.64 18.21
CA SER B 183 -15.87 -10.35 17.06
C SER B 183 -15.21 -9.39 16.07
N THR B 184 -15.88 -8.28 15.80
CA THR B 184 -15.32 -7.31 14.86
C THR B 184 -14.11 -6.57 15.47
N ILE B 185 -14.11 -6.40 16.78
CA ILE B 185 -12.97 -5.76 17.46
C ILE B 185 -11.76 -6.69 17.41
N GLU B 186 -11.99 -7.96 17.68
CA GLU B 186 -10.89 -8.93 17.65
C GLU B 186 -10.26 -8.95 16.27
N SER B 187 -11.10 -8.90 15.24
CA SER B 187 -10.64 -8.92 13.86
C SER B 187 -9.84 -7.69 13.45
N ILE B 188 -10.36 -6.50 13.74
CA ILE B 188 -9.69 -5.28 13.29
C ILE B 188 -8.35 -5.10 14.04
N ILE B 189 -8.27 -5.58 15.28
CA ILE B 189 -7.00 -5.54 15.98
C ILE B 189 -5.99 -6.52 15.38
N LYS B 190 -6.50 -7.64 14.86
CA LYS B 190 -5.64 -8.57 14.13
C LYS B 190 -5.16 -7.93 12.85
N ILE B 191 -6.09 -7.38 12.09
CA ILE B 191 -5.76 -6.75 10.81
C ILE B 191 -4.71 -5.65 10.99
N ARG B 192 -4.91 -4.80 11.99
CA ARG B 192 -4.01 -3.66 12.22
C ARG B 192 -2.66 -4.04 12.85
N THR B 193 -2.67 -4.97 13.81
CA THR B 193 -1.45 -5.25 14.59
C THR B 193 -0.84 -6.62 14.33
N GLY B 194 -1.57 -7.51 13.65
CA GLY B 194 -1.07 -8.84 13.36
C GLY B 194 -1.24 -9.83 14.50
N ASN B 195 -1.88 -9.39 15.58
CA ASN B 195 -2.13 -10.24 16.72
C ASN B 195 -3.61 -10.49 16.95
N LEU B 196 -4.00 -11.77 16.94
CA LEU B 196 -5.38 -12.16 17.20
C LEU B 196 -5.60 -12.36 18.69
N ASN B 197 -6.45 -11.54 19.29
CA ASN B 197 -6.75 -11.69 20.71
C ASN B 197 -8.22 -11.96 20.94
N GLU B 198 -8.53 -12.46 22.13
CA GLU B 198 -9.91 -12.62 22.55
C GLU B 198 -10.25 -11.57 23.59
N TYR B 199 -11.30 -10.80 23.30
CA TYR B 199 -11.73 -9.75 24.22
C TYR B 199 -13.06 -10.08 24.91
N SER B 200 -13.41 -9.27 25.90
CA SER B 200 -14.50 -9.61 26.81
C SER B 200 -15.89 -9.17 26.36
N GLU B 201 -16.73 -10.14 26.02
CA GLU B 201 -18.15 -9.88 25.79
C GLU B 201 -18.84 -9.50 27.08
N GLN B 202 -18.40 -10.11 28.18
CA GLN B 202 -19.05 -9.90 29.47
C GLN B 202 -18.90 -8.43 29.87
N GLU B 203 -17.78 -7.84 29.50
CA GLU B 203 -17.51 -6.45 29.83
C GLU B 203 -18.57 -5.53 29.20
N LEU B 204 -18.85 -5.75 27.93
CA LEU B 204 -19.85 -4.95 27.23
C LEU B 204 -21.23 -5.23 27.79
N LEU B 205 -21.51 -6.51 28.05
CA LEU B 205 -22.78 -6.93 28.64
C LEU B 205 -23.07 -6.19 29.96
N ASP B 206 -22.08 -6.14 30.85
CA ASP B 206 -22.22 -5.43 32.13
C ASP B 206 -22.19 -3.91 32.03
N CYS B 207 -21.37 -3.39 31.11
CA CYS B 207 -20.95 -1.99 31.20
C CYS B 207 -21.62 -1.03 30.20
N ASP B 208 -22.24 -1.57 29.16
CA ASP B 208 -22.89 -0.72 28.15
C ASP B 208 -24.25 -0.24 28.66
N ARG B 209 -24.32 1.01 29.10
CA ARG B 209 -25.55 1.53 29.72
C ARG B 209 -26.72 1.80 28.75
N ARG B 210 -26.47 1.74 27.44
CA ARG B 210 -27.53 1.92 26.45
C ARG B 210 -28.21 0.62 26.13
N SER B 211 -27.52 -0.47 26.40
CA SER B 211 -28.06 -1.80 26.11
C SER B 211 -28.75 -2.35 27.36
N TYR B 212 -29.29 -3.55 27.24
CA TYR B 212 -30.13 -4.12 28.29
C TYR B 212 -29.61 -5.46 28.78
N GLY B 213 -28.29 -5.63 28.74
CA GLY B 213 -27.67 -6.86 29.20
C GLY B 213 -28.19 -8.09 28.47
N CYS B 214 -28.68 -9.07 29.24
CA CYS B 214 -29.17 -10.31 28.67
C CYS B 214 -30.52 -10.15 28.01
N ASN B 215 -31.09 -8.95 28.10
CA ASN B 215 -32.38 -8.70 27.46
C ASN B 215 -32.25 -7.99 26.14
N GLY B 216 -31.04 -7.97 25.58
CA GLY B 216 -30.83 -7.35 24.29
C GLY B 216 -30.02 -6.07 24.36
N GLY B 217 -29.49 -5.64 23.22
CA GLY B 217 -28.71 -4.42 23.17
C GLY B 217 -28.33 -3.99 21.76
N TYR B 218 -27.33 -3.12 21.66
CA TYR B 218 -26.98 -2.51 20.39
C TYR B 218 -25.50 -2.67 20.08
N PRO B 219 -25.18 -3.28 18.94
CA PRO B 219 -23.76 -3.43 18.58
C PRO B 219 -23.08 -2.08 18.43
N TRP B 220 -23.79 -1.07 17.92
CA TRP B 220 -23.17 0.23 17.72
C TRP B 220 -22.79 0.89 19.05
N SER B 221 -23.61 0.71 20.07
CA SER B 221 -23.29 1.22 21.39
C SER B 221 -22.09 0.51 22.01
N ALA B 222 -22.05 -0.81 21.86
CA ALA B 222 -20.92 -1.60 22.34
C ALA B 222 -19.63 -1.18 21.63
N LEU B 223 -19.70 -0.99 20.31
CA LEU B 223 -18.54 -0.52 19.54
C LEU B 223 -18.12 0.88 19.97
N GLN B 224 -19.10 1.72 20.27
CA GLN B 224 -18.81 3.09 20.70
C GLN B 224 -18.10 3.06 22.05
N LEU B 225 -18.53 2.17 22.94
CA LEU B 225 -17.93 2.04 24.26
C LEU B 225 -16.42 1.72 24.15
N VAL B 226 -16.09 0.75 23.28
CA VAL B 226 -14.71 0.32 23.08
C VAL B 226 -13.86 1.43 22.50
N ALA B 227 -14.42 2.22 21.59
CA ALA B 227 -13.67 3.31 20.96
C ALA B 227 -13.42 4.45 21.94
N GLN B 228 -14.35 4.63 22.88
CA GLN B 228 -14.23 5.71 23.83
C GLN B 228 -13.36 5.30 25.01
N TYR B 229 -13.61 4.11 25.54
CA TYR B 229 -12.96 3.69 26.77
C TYR B 229 -11.94 2.58 26.54
N GLY B 230 -12.38 1.50 25.90
CA GLY B 230 -11.50 0.39 25.63
C GLY B 230 -12.19 -0.92 26.00
N ILE B 231 -11.42 -2.01 25.99
CA ILE B 231 -11.94 -3.33 26.33
C ILE B 231 -10.84 -4.21 26.91
N HIS B 232 -11.22 -5.15 27.78
CA HIS B 232 -10.26 -6.03 28.41
C HIS B 232 -10.26 -7.39 27.74
N TYR B 233 -9.21 -8.18 28.01
CA TYR B 233 -9.12 -9.54 27.46
C TYR B 233 -10.20 -10.43 28.02
N ARG B 234 -10.56 -11.47 27.27
CA ARG B 234 -11.44 -12.52 27.77
C ARG B 234 -11.00 -13.04 29.15
N ASN B 235 -9.72 -13.40 29.27
CA ASN B 235 -9.21 -14.02 30.49
C ASN B 235 -9.36 -13.14 31.73
N THR B 236 -9.34 -11.84 31.52
CA THR B 236 -9.50 -10.86 32.60
C THR B 236 -10.93 -10.79 33.10
N TYR B 237 -11.86 -10.86 32.15
CA TYR B 237 -13.28 -10.60 32.38
C TYR B 237 -14.04 -11.65 31.57
N PRO B 238 -14.02 -12.92 32.01
CA PRO B 238 -14.64 -13.99 31.21
C PRO B 238 -16.16 -13.95 31.20
N TYR B 239 -16.76 -14.66 30.25
CA TYR B 239 -18.20 -14.63 30.03
C TYR B 239 -18.93 -15.46 31.07
N GLU B 240 -20.03 -14.92 31.59
CA GLU B 240 -20.78 -15.60 32.63
C GLU B 240 -22.24 -15.84 32.23
N GLY B 241 -22.65 -15.26 31.12
CA GLY B 241 -24.01 -15.48 30.64
C GLY B 241 -25.10 -14.89 31.51
N VAL B 242 -24.74 -13.90 32.32
CA VAL B 242 -25.69 -13.15 33.12
C VAL B 242 -25.08 -11.77 33.35
N GLN B 243 -25.93 -10.75 33.44
CA GLN B 243 -25.40 -9.42 33.66
C GLN B 243 -25.16 -9.17 35.15
N ARG B 244 -23.98 -8.66 35.47
CA ARG B 244 -23.66 -8.21 36.82
C ARG B 244 -23.31 -6.75 36.71
N TYR B 245 -22.80 -6.15 37.78
CA TYR B 245 -22.39 -4.76 37.70
C TYR B 245 -21.11 -4.65 36.87
N CYS B 246 -20.90 -3.49 36.26
CA CYS B 246 -19.72 -3.21 35.47
C CYS B 246 -18.47 -3.30 36.34
N ARG B 247 -17.59 -4.23 36.00
CA ARG B 247 -16.39 -4.50 36.79
C ARG B 247 -15.10 -4.09 36.08
N SER B 248 -15.22 -3.33 34.99
CA SER B 248 -14.06 -2.94 34.20
C SER B 248 -13.00 -2.17 35.01
N ARG B 249 -13.43 -1.45 36.03
CA ARG B 249 -12.51 -0.68 36.86
C ARG B 249 -11.83 -1.53 37.93
N GLU B 250 -12.17 -2.81 37.97
CA GLU B 250 -11.50 -3.77 38.86
C GLU B 250 -10.48 -4.57 38.06
N LYS B 251 -10.43 -4.34 36.76
CA LYS B 251 -9.65 -5.17 35.87
C LYS B 251 -8.33 -4.51 35.46
N GLY B 252 -8.04 -3.36 36.05
CA GLY B 252 -6.85 -2.61 35.70
C GLY B 252 -7.02 -1.97 34.33
N PRO B 253 -5.93 -1.45 33.76
CA PRO B 253 -5.90 -0.80 32.44
C PRO B 253 -6.41 -1.68 31.31
N TYR B 254 -7.15 -1.08 30.38
CA TYR B 254 -7.69 -1.80 29.23
C TYR B 254 -6.62 -2.52 28.42
N ALA B 255 -7.07 -3.53 27.67
CA ALA B 255 -6.20 -4.32 26.82
C ALA B 255 -6.11 -3.71 25.42
N ALA B 256 -7.22 -3.14 24.97
CA ALA B 256 -7.28 -2.52 23.66
C ALA B 256 -8.34 -1.43 23.61
N LYS B 257 -8.18 -0.51 22.67
CA LYS B 257 -9.13 0.57 22.47
C LYS B 257 -9.15 0.87 21.00
N THR B 258 -10.34 1.08 20.44
CA THR B 258 -10.42 1.40 19.03
C THR B 258 -10.50 2.92 18.84
N ASP B 259 -10.69 3.37 17.61
CA ASP B 259 -10.62 4.80 17.32
C ASP B 259 -11.91 5.38 16.77
N GLY B 260 -12.92 4.54 16.56
CA GLY B 260 -14.17 5.04 16.03
C GLY B 260 -15.13 3.94 15.69
N VAL B 261 -16.34 4.32 15.31
CA VAL B 261 -17.35 3.38 14.82
C VAL B 261 -17.89 3.93 13.52
N ARG B 262 -18.11 3.07 12.54
CA ARG B 262 -18.74 3.55 11.32
C ARG B 262 -19.93 2.69 10.96
N GLN B 263 -20.87 3.29 10.26
CA GLN B 263 -22.05 2.58 9.83
C GLN B 263 -22.01 2.39 8.32
N VAL B 264 -22.36 1.20 7.87
CA VAL B 264 -22.50 0.96 6.45
C VAL B 264 -23.84 1.54 6.02
N GLN B 265 -23.89 2.17 4.84
CA GLN B 265 -25.18 2.60 4.32
C GLN B 265 -26.15 1.41 4.30
N PRO B 266 -27.28 1.54 4.98
CA PRO B 266 -28.26 0.44 5.11
C PRO B 266 -28.92 0.09 3.78
N TYR B 267 -29.45 -1.14 3.71
CA TYR B 267 -30.21 -1.58 2.55
C TYR B 267 -29.38 -1.49 1.28
N ASN B 268 -28.08 -1.71 1.42
CA ASN B 268 -27.13 -1.58 0.33
C ASN B 268 -26.17 -2.76 0.36
N GLU B 269 -26.42 -3.73 -0.51
CA GLU B 269 -25.63 -4.95 -0.57
C GLU B 269 -24.18 -4.66 -0.97
N GLY B 270 -23.99 -3.85 -2.00
CA GLY B 270 -22.67 -3.49 -2.47
C GLY B 270 -21.81 -2.78 -1.42
N ALA B 271 -22.43 -1.95 -0.60
CA ALA B 271 -21.68 -1.21 0.40
C ALA B 271 -21.25 -2.18 1.48
N LEU B 272 -22.14 -3.11 1.82
CA LEU B 272 -21.84 -4.10 2.84
C LEU B 272 -20.69 -4.98 2.38
N LEU B 273 -20.74 -5.39 1.12
CA LEU B 273 -19.69 -6.24 0.57
C LEU B 273 -18.34 -5.53 0.58
N TYR B 274 -18.35 -4.25 0.22
CA TYR B 274 -17.12 -3.47 0.19
C TYR B 274 -16.51 -3.37 1.58
N SER B 275 -17.37 -3.15 2.57
CA SER B 275 -16.94 -3.04 3.95
C SER B 275 -16.37 -4.36 4.43
N ILE B 276 -17.07 -5.45 4.15
CA ILE B 276 -16.59 -6.79 4.49
C ILE B 276 -15.22 -7.09 3.87
N ALA B 277 -15.03 -6.63 2.64
CA ALA B 277 -13.75 -6.79 1.95
C ALA B 277 -12.62 -6.07 2.66
N ASN B 278 -12.94 -5.11 3.52
CA ASN B 278 -11.91 -4.42 4.28
C ASN B 278 -11.75 -4.95 5.71
N GLN B 279 -12.86 -5.33 6.33
CA GLN B 279 -12.85 -5.85 7.70
C GLN B 279 -14.19 -6.49 8.00
N PRO B 280 -14.22 -7.45 8.95
CA PRO B 280 -15.53 -7.98 9.39
C PRO B 280 -16.44 -6.90 9.94
N VAL B 281 -17.74 -7.10 9.75
CA VAL B 281 -18.76 -6.09 10.03
C VAL B 281 -19.83 -6.65 10.95
N SER B 282 -20.24 -5.87 11.95
CA SER B 282 -21.40 -6.24 12.77
C SER B 282 -22.66 -6.09 11.95
N VAL B 283 -23.46 -7.15 11.84
CA VAL B 283 -24.70 -7.06 11.06
C VAL B 283 -25.84 -7.71 11.85
N VAL B 284 -27.08 -7.40 11.50
CA VAL B 284 -28.22 -8.00 12.19
C VAL B 284 -29.13 -8.73 11.23
N LEU B 285 -29.91 -9.65 11.75
CA LEU B 285 -30.85 -10.40 10.91
C LEU B 285 -31.96 -10.94 11.78
N GLU B 286 -32.95 -11.54 11.11
CA GLU B 286 -34.05 -12.20 11.81
C GLU B 286 -33.74 -13.68 11.96
N ALA B 287 -33.51 -14.12 13.18
CA ALA B 287 -32.98 -15.46 13.45
C ALA B 287 -33.95 -16.35 14.23
N ALA B 288 -35.15 -15.85 14.49
CA ALA B 288 -36.10 -16.56 15.34
C ALA B 288 -36.80 -17.73 14.64
N GLY B 289 -36.71 -17.78 13.31
CA GLY B 289 -37.43 -18.75 12.52
C GLY B 289 -36.98 -20.18 12.73
N LYS B 290 -37.91 -21.11 12.56
CA LYS B 290 -37.66 -22.51 12.81
C LYS B 290 -36.62 -23.08 11.84
N ASP B 291 -36.65 -22.64 10.59
CA ASP B 291 -35.61 -23.05 9.64
C ASP B 291 -34.25 -22.54 10.02
N PHE B 292 -34.20 -21.31 10.54
CA PHE B 292 -32.97 -20.73 10.99
C PHE B 292 -32.45 -21.49 12.21
N GLN B 293 -33.35 -21.75 13.16
CA GLN B 293 -33.01 -22.55 14.34
C GLN B 293 -32.37 -23.91 14.00
N LEU B 294 -32.98 -24.63 13.07
CA LEU B 294 -32.55 -26.01 12.77
C LEU B 294 -31.61 -26.08 11.56
N TYR B 295 -31.11 -24.92 11.15
CA TYR B 295 -30.18 -24.82 10.04
C TYR B 295 -28.97 -25.73 10.25
N ARG B 296 -28.65 -26.53 9.23
CA ARG B 296 -27.48 -27.41 9.27
C ARG B 296 -26.38 -27.01 8.28
N GLY B 297 -26.74 -26.74 7.03
CA GLY B 297 -25.74 -26.29 6.08
C GLY B 297 -26.29 -25.85 4.74
N GLY B 298 -25.43 -25.32 3.87
CA GLY B 298 -25.86 -24.87 2.55
C GLY B 298 -26.17 -23.39 2.55
N ILE B 299 -26.60 -22.87 1.40
CA ILE B 299 -26.92 -21.46 1.28
C ILE B 299 -28.38 -21.21 1.69
N PHE B 300 -28.56 -20.41 2.73
CA PHE B 300 -29.87 -20.12 3.31
C PHE B 300 -30.59 -19.01 2.53
N VAL B 301 -31.74 -19.38 1.97
CA VAL B 301 -32.52 -18.46 1.13
C VAL B 301 -33.81 -17.98 1.83
N GLY B 302 -34.08 -18.55 3.00
CA GLY B 302 -35.33 -18.30 3.69
C GLY B 302 -36.04 -19.60 4.00
N PRO B 303 -37.28 -19.53 4.53
CA PRO B 303 -38.03 -18.29 4.70
C PRO B 303 -37.62 -17.56 5.98
N CYS B 304 -37.57 -16.23 5.88
CA CYS B 304 -37.36 -15.37 7.03
C CYS B 304 -37.84 -13.97 6.65
N GLY B 305 -38.38 -13.26 7.63
CA GLY B 305 -38.82 -11.90 7.38
C GLY B 305 -37.72 -10.91 7.68
N ASN B 306 -38.09 -9.64 7.77
CA ASN B 306 -37.14 -8.55 7.96
C ASN B 306 -37.16 -7.97 9.36
N LYS B 307 -37.93 -8.59 10.26
CA LYS B 307 -37.94 -8.14 11.65
C LYS B 307 -36.68 -8.61 12.37
N VAL B 308 -35.59 -7.86 12.23
CA VAL B 308 -34.30 -8.33 12.71
C VAL B 308 -34.29 -8.38 14.25
N ASP B 309 -33.59 -9.35 14.80
CA ASP B 309 -33.73 -9.66 16.21
C ASP B 309 -32.44 -10.19 16.82
N HIS B 310 -31.39 -10.30 16.02
CA HIS B 310 -30.20 -11.02 16.43
C HIS B 310 -29.01 -10.43 15.71
N ALA B 311 -27.92 -10.20 16.44
CA ALA B 311 -26.71 -9.66 15.83
C ALA B 311 -25.64 -10.74 15.63
N VAL B 312 -24.93 -10.62 14.52
CA VAL B 312 -23.94 -11.61 14.11
C VAL B 312 -22.77 -10.88 13.48
N ALA B 313 -21.75 -11.61 13.03
CA ALA B 313 -20.62 -10.96 12.37
C ALA B 313 -20.43 -11.45 10.93
N ALA B 314 -20.36 -10.50 10.00
CA ALA B 314 -20.10 -10.84 8.61
C ALA B 314 -18.59 -10.96 8.41
N VAL B 315 -18.09 -12.18 8.23
CA VAL B 315 -16.64 -12.36 8.12
C VAL B 315 -16.18 -12.72 6.72
N GLY B 316 -17.09 -12.58 5.75
CA GLY B 316 -16.73 -12.83 4.37
C GLY B 316 -17.93 -12.94 3.43
N TYR B 317 -17.66 -13.40 2.21
CA TYR B 317 -18.70 -13.58 1.18
C TYR B 317 -18.18 -14.31 -0.07
N GLY B 318 -19.11 -14.68 -0.93
CA GLY B 318 -18.79 -15.27 -2.22
C GLY B 318 -19.75 -14.69 -3.25
N PRO B 319 -19.83 -15.31 -4.44
CA PRO B 319 -20.66 -14.78 -5.52
C PRO B 319 -22.14 -14.62 -5.15
N ASN B 320 -22.67 -15.58 -4.40
CA ASN B 320 -24.10 -15.61 -4.09
C ASN B 320 -24.40 -15.83 -2.61
N TYR B 321 -23.47 -15.47 -1.74
CA TYR B 321 -23.75 -15.53 -0.32
C TYR B 321 -22.93 -14.51 0.45
N ILE B 322 -23.27 -14.35 1.72
CA ILE B 322 -22.46 -13.61 2.68
C ILE B 322 -22.15 -14.57 3.83
N LEU B 323 -20.90 -14.56 4.30
CA LEU B 323 -20.49 -15.50 5.32
C LEU B 323 -20.68 -14.91 6.70
N ILE B 324 -21.52 -15.58 7.47
CA ILE B 324 -21.98 -15.06 8.76
C ILE B 324 -21.50 -15.92 9.92
N ARG B 325 -20.83 -15.29 10.87
CA ARG B 325 -20.41 -15.96 12.11
C ARG B 325 -21.46 -15.76 13.20
N ASN B 326 -22.02 -16.87 13.72
CA ASN B 326 -23.03 -16.81 14.78
C ASN B 326 -22.38 -17.07 16.14
N SER B 327 -23.13 -16.88 17.21
CA SER B 327 -22.59 -17.05 18.56
C SER B 327 -23.42 -18.08 19.32
N TRP B 328 -23.68 -19.21 18.65
CA TRP B 328 -24.49 -20.29 19.19
C TRP B 328 -23.73 -21.59 19.32
N GLY B 329 -22.41 -21.50 19.36
CA GLY B 329 -21.56 -22.67 19.46
C GLY B 329 -21.35 -23.34 18.12
N THR B 330 -20.46 -24.32 18.08
CA THR B 330 -20.11 -24.98 16.83
C THR B 330 -21.13 -26.06 16.45
N GLY B 331 -22.05 -26.35 17.35
CA GLY B 331 -23.08 -27.37 17.08
C GLY B 331 -24.29 -26.86 16.34
N TRP B 332 -24.21 -25.61 15.87
CA TRP B 332 -25.24 -25.01 15.02
C TRP B 332 -24.67 -24.73 13.65
N GLY B 333 -25.45 -24.99 12.59
CA GLY B 333 -25.02 -24.61 11.27
C GLY B 333 -23.71 -25.24 10.82
N GLU B 334 -22.97 -24.52 9.98
CA GLU B 334 -21.71 -25.03 9.46
C GLU B 334 -20.62 -24.70 10.46
N ASN B 335 -20.56 -25.51 11.53
CA ASN B 335 -19.59 -25.32 12.61
C ASN B 335 -19.66 -23.91 13.22
N GLY B 336 -20.88 -23.40 13.37
CA GLY B 336 -21.10 -22.09 13.94
C GLY B 336 -21.43 -20.98 12.94
N TYR B 337 -21.28 -21.28 11.65
CA TYR B 337 -21.45 -20.27 10.59
C TYR B 337 -22.65 -20.56 9.73
N ILE B 338 -23.14 -19.54 9.04
CA ILE B 338 -24.21 -19.72 8.06
C ILE B 338 -23.91 -18.90 6.82
N ARG B 339 -24.21 -19.46 5.66
CA ARG B 339 -24.08 -18.72 4.42
C ARG B 339 -25.46 -18.25 3.98
N ILE B 340 -25.64 -16.94 4.03
CA ILE B 340 -26.91 -16.30 3.70
C ILE B 340 -26.90 -15.87 2.24
N LYS B 341 -27.91 -16.27 1.49
CA LYS B 341 -28.03 -15.89 0.09
C LYS B 341 -27.87 -14.38 -0.12
N ARG B 342 -27.16 -13.98 -1.17
CA ARG B 342 -27.13 -12.56 -1.54
C ARG B 342 -27.49 -12.38 -3.01
N GLY B 343 -27.74 -11.14 -3.40
CA GLY B 343 -28.08 -10.82 -4.77
C GLY B 343 -29.53 -11.09 -5.17
N THR B 344 -30.39 -11.33 -4.18
CA THR B 344 -31.80 -11.60 -4.45
C THR B 344 -32.54 -10.36 -4.91
N GLY B 345 -31.86 -9.21 -4.88
CA GLY B 345 -32.45 -7.96 -5.29
C GLY B 345 -33.24 -7.28 -4.18
N ASN B 346 -33.58 -8.04 -3.14
CA ASN B 346 -34.33 -7.49 -2.01
C ASN B 346 -33.49 -6.52 -1.20
N SER B 347 -34.03 -5.32 -0.96
CA SER B 347 -33.24 -4.24 -0.37
C SER B 347 -32.99 -4.43 1.12
N TYR B 348 -33.85 -5.16 1.81
CA TYR B 348 -33.63 -5.47 3.23
C TYR B 348 -32.50 -6.47 3.44
N GLY B 349 -32.19 -7.22 2.38
CA GLY B 349 -31.36 -8.41 2.52
C GLY B 349 -32.19 -9.59 3.00
N VAL B 350 -31.70 -10.80 2.73
CA VAL B 350 -32.36 -11.99 3.22
C VAL B 350 -32.26 -12.00 4.75
N CYS B 351 -33.39 -12.28 5.40
CA CYS B 351 -33.49 -12.23 6.87
C CYS B 351 -33.23 -10.80 7.40
N GLY B 352 -33.38 -9.80 6.54
CA GLY B 352 -33.21 -8.41 6.95
C GLY B 352 -31.74 -8.05 7.14
N LEU B 353 -30.85 -8.78 6.48
CA LEU B 353 -29.40 -8.72 6.70
C LEU B 353 -28.76 -7.35 6.45
N TYR B 354 -29.42 -6.48 5.70
CA TYR B 354 -28.81 -5.18 5.40
C TYR B 354 -29.37 -4.05 6.27
N THR B 355 -30.01 -4.40 7.38
CA THR B 355 -30.78 -3.42 8.14
C THR B 355 -29.93 -2.46 8.96
N SER B 356 -28.93 -3.00 9.66
CA SER B 356 -28.15 -2.15 10.56
C SER B 356 -26.73 -2.67 10.74
N SER B 357 -25.79 -2.11 9.99
CA SER B 357 -24.44 -2.67 9.93
C SER B 357 -23.37 -1.70 10.40
N PHE B 358 -22.52 -2.12 11.33
CA PHE B 358 -21.52 -1.21 11.88
C PHE B 358 -20.16 -1.91 11.96
N TYR B 359 -19.08 -1.15 11.94
CA TYR B 359 -17.77 -1.72 12.17
C TYR B 359 -16.84 -0.78 12.92
N PRO B 360 -15.85 -1.35 13.64
CA PRO B 360 -14.90 -0.56 14.40
C PRO B 360 -13.80 0.04 13.52
N VAL B 361 -13.31 1.22 13.90
CA VAL B 361 -12.17 1.81 13.23
C VAL B 361 -10.95 1.70 14.15
N LYS B 362 -9.81 1.34 13.57
CA LYS B 362 -8.56 1.27 14.33
C LYS B 362 -7.41 1.84 13.51
N ASN B 363 -6.89 2.99 13.94
CA ASN B 363 -5.79 3.62 13.23
C ASN B 363 -4.48 2.85 13.30
CL CL C . 15.00 16.31 -30.41
NA NA D . 15.88 18.47 -29.55
CL CL E . -31.87 -28.03 26.07
NA NA F . -39.54 -27.19 30.88
#